data_3KST
#
_entry.id   3KST
#
_cell.length_a   60.019
_cell.length_b   90.337
_cell.length_c   60.037
_cell.angle_alpha   90.000
_cell.angle_beta   93.820
_cell.angle_gamma   90.000
#
_symmetry.space_group_name_H-M   'P 1 21 1'
#
loop_
_entity.id
_entity.type
_entity.pdbx_description
1 polymer Endo-1,4-beta-xylanase
2 non-polymer 'CALCIUM ION'
3 non-polymer 1,2-ETHANEDIOL
4 water water
#
_entity_poly.entity_id   1
_entity_poly.type   'polypeptide(L)'
_entity_poly.pdbx_seq_one_letter_code
;GTDDEEKDNNGQGSVSVETNYLPIADPYV(MSE)FYNNKYYAYGTGGTTAGEGFACFSSDDLKNWKREGQALSATDSYGT
WGFWAPEVYYVESKKKFYLFYSAEEHICVATSTTPEGPFRQEVKQPIWSEKSIDTSLFIDDDGTPYLYFVRFTDGNVIWV
AQ(MSE)TDDL(MSE)SIKTETLNQCIKAEVSWELLQGKVAEGPSLLKKNGVYYLIYSANHYENKGYGVGYATSDTP
(MSE)GPWVKYSKNPLLQGDAATGLVGTGHGAPFQCKDGSWKYIFHAHWSAAEIQPRTSYIKDFAISDQGVVTISGTVIK
PRVLK
;
_entity_poly.pdbx_strand_id   A,B
#
loop_
_chem_comp.id
_chem_comp.type
_chem_comp.name
_chem_comp.formula
CA non-polymer 'CALCIUM ION' 'Ca 2'
EDO non-polymer 1,2-ETHANEDIOL 'C2 H6 O2'
#
# COMPACT_ATOMS: atom_id res chain seq x y z
N SER A 16 -32.37 37.53 -11.77
CA SER A 16 -31.17 38.31 -11.35
C SER A 16 -30.01 37.43 -10.90
N VAL A 17 -28.81 38.00 -10.96
CA VAL A 17 -27.56 37.29 -10.68
C VAL A 17 -27.14 37.35 -9.21
N GLU A 18 -26.86 36.20 -8.60
CA GLU A 18 -26.31 36.16 -7.23
C GLU A 18 -24.78 36.30 -7.37
N THR A 19 -24.22 35.46 -8.23
CA THR A 19 -22.79 35.51 -8.53
C THR A 19 -22.53 35.05 -9.96
N ASN A 20 -21.49 35.62 -10.59
CA ASN A 20 -21.06 35.19 -11.95
C ASN A 20 -20.16 33.94 -11.96
N TYR A 21 -20.14 33.18 -10.87
CA TYR A 21 -19.30 31.98 -10.72
C TYR A 21 -20.10 30.93 -10.01
N LEU A 22 -19.62 29.70 -10.00
CA LEU A 22 -20.20 28.63 -9.16
C LEU A 22 -19.18 28.53 -8.01
N PRO A 23 -19.50 29.14 -6.85
CA PRO A 23 -18.50 29.36 -5.83
C PRO A 23 -18.15 28.19 -4.93
N ILE A 24 -17.67 27.10 -5.53
CA ILE A 24 -17.21 25.90 -4.78
C ILE A 24 -15.88 25.39 -5.32
N ALA A 25 -15.16 24.66 -4.47
CA ALA A 25 -13.97 23.92 -4.84
C ALA A 25 -14.34 22.42 -4.79
N ASP A 26 -13.42 21.60 -5.27
CA ASP A 26 -13.54 20.13 -5.25
C ASP A 26 -14.92 19.64 -5.72
N PRO A 27 -15.44 20.21 -6.84
CA PRO A 27 -16.80 19.92 -7.26
C PRO A 27 -17.15 18.49 -7.67
N TYR A 28 -18.41 18.16 -7.38
CA TYR A 28 -19.03 16.91 -7.82
C TYR A 28 -20.46 17.18 -8.31
N VAL A 29 -20.84 16.58 -9.44
CA VAL A 29 -22.17 16.67 -10.03
C VAL A 29 -22.86 15.30 -10.10
N MSE A 30 -24.08 15.23 -9.56
CA MSE A 30 -24.96 14.08 -9.70
C MSE A 30 -26.07 14.47 -10.66
O MSE A 30 -26.71 15.54 -10.46
CB MSE A 30 -25.61 13.67 -8.37
CG MSE A 30 -26.65 12.53 -8.55
SE MSE A 30 -27.43 12.03 -6.90
CE MSE A 30 -28.32 13.65 -6.43
N PHE A 31 -26.30 13.64 -11.67
CA PHE A 31 -27.44 13.81 -12.58
C PHE A 31 -28.51 12.85 -12.07
N TYR A 32 -29.58 13.42 -11.52
CA TYR A 32 -30.70 12.67 -10.94
C TYR A 32 -32.01 13.26 -11.39
N ASN A 33 -32.94 12.40 -11.81
CA ASN A 33 -34.29 12.79 -12.29
C ASN A 33 -34.32 14.06 -13.18
N ASN A 34 -33.57 13.99 -14.28
CA ASN A 34 -33.47 15.07 -15.26
C ASN A 34 -32.99 16.42 -14.67
N LYS A 35 -32.11 16.36 -13.66
CA LYS A 35 -31.67 17.59 -12.98
C LYS A 35 -30.25 17.41 -12.49
N TYR A 36 -29.40 18.42 -12.71
CA TYR A 36 -27.99 18.40 -12.24
C TYR A 36 -27.93 18.94 -10.83
N TYR A 37 -27.14 18.28 -9.98
CA TYR A 37 -26.96 18.69 -8.58
C TYR A 37 -25.46 18.77 -8.29
N ALA A 38 -25.00 19.96 -7.89
CA ALA A 38 -23.58 20.20 -7.62
C ALA A 38 -23.35 20.36 -6.14
N TYR A 39 -22.27 19.74 -5.66
CA TYR A 39 -21.82 19.84 -4.26
C TYR A 39 -20.32 20.03 -4.28
N GLY A 40 -19.82 20.94 -3.46
CA GLY A 40 -18.37 21.16 -3.35
C GLY A 40 -17.93 21.70 -1.99
N THR A 41 -16.64 21.99 -1.89
CA THR A 41 -16.02 22.60 -0.73
C THR A 41 -16.32 24.08 -0.73
N GLY A 42 -16.94 24.57 0.35
CA GLY A 42 -17.23 25.99 0.51
C GLY A 42 -18.47 26.46 -0.17
N GLY A 43 -18.64 27.79 -0.21
CA GLY A 43 -19.80 28.40 -0.83
C GLY A 43 -21.06 28.22 -0.02
N THR A 44 -20.91 27.87 1.26
CA THR A 44 -22.05 27.64 2.14
C THR A 44 -22.64 29.00 2.54
N THR A 45 -23.92 29.01 2.85
CA THR A 45 -24.61 30.20 3.36
C THR A 45 -25.24 30.03 4.77
N ALA A 46 -25.25 28.81 5.30
CA ALA A 46 -25.82 28.56 6.64
C ALA A 46 -24.88 27.73 7.51
N GLY A 47 -23.62 28.17 7.57
CA GLY A 47 -22.57 27.58 8.41
C GLY A 47 -21.72 26.52 7.75
N GLU A 48 -20.87 25.89 8.56
CA GLU A 48 -19.96 24.81 8.11
C GLU A 48 -20.80 23.65 7.53
N GLY A 49 -20.25 23.00 6.50
CA GLY A 49 -20.89 21.87 5.84
C GLY A 49 -20.86 22.00 4.33
N PHE A 50 -21.97 21.62 3.68
CA PHE A 50 -22.02 21.66 2.22
C PHE A 50 -23.31 22.25 1.72
N ALA A 51 -23.19 23.02 0.66
CA ALA A 51 -24.35 23.54 -0.06
C ALA A 51 -24.73 22.54 -1.15
N CYS A 52 -25.92 22.76 -1.69
CA CYS A 52 -26.44 22.04 -2.86
C CYS A 52 -26.84 23.09 -3.88
N PHE A 53 -26.36 22.95 -5.11
CA PHE A 53 -26.80 23.80 -6.24
C PHE A 53 -27.46 22.89 -7.26
N SER A 54 -28.53 23.35 -7.92
CA SER A 54 -29.14 22.59 -9.02
C SER A 54 -29.19 23.41 -10.32
N SER A 55 -29.32 22.69 -11.43
CA SER A 55 -29.33 23.27 -12.78
C SER A 55 -30.03 22.38 -13.80
N ASP A 56 -30.65 23.02 -14.79
CA ASP A 56 -31.28 22.37 -15.93
C ASP A 56 -30.36 22.29 -17.16
N ASP A 57 -29.39 23.21 -17.23
CA ASP A 57 -28.55 23.40 -18.43
C ASP A 57 -27.03 23.46 -18.22
N LEU A 58 -26.56 23.35 -16.97
CA LEU A 58 -25.13 23.43 -16.56
C LEU A 58 -24.53 24.85 -16.54
N LYS A 59 -25.22 25.84 -17.12
CA LYS A 59 -24.75 27.23 -17.16
C LYS A 59 -25.34 27.99 -16.00
N ASN A 60 -26.67 27.89 -15.84
CA ASN A 60 -27.39 28.60 -14.80
C ASN A 60 -27.73 27.67 -13.66
N TRP A 61 -27.25 28.02 -12.47
CA TRP A 61 -27.43 27.22 -11.25
C TRP A 61 -28.27 27.98 -10.24
N LYS A 62 -29.05 27.26 -9.44
CA LYS A 62 -29.80 27.88 -8.34
C LYS A 62 -29.42 27.14 -7.05
N ARG A 63 -29.38 27.88 -5.94
CA ARG A 63 -29.13 27.26 -4.62
C ARG A 63 -30.34 26.51 -4.15
N GLU A 64 -30.09 25.31 -3.63
CA GLU A 64 -31.15 24.49 -3.06
C GLU A 64 -31.16 24.55 -1.53
N GLY A 65 -30.09 25.03 -0.92
CA GLY A 65 -29.99 25.08 0.53
C GLY A 65 -28.70 24.47 1.03
N GLN A 66 -28.69 24.19 2.33
CA GLN A 66 -27.53 23.60 2.99
C GLN A 66 -27.73 22.09 3.08
N ALA A 67 -27.11 21.36 2.13
CA ALA A 67 -27.16 19.89 2.07
C ALA A 67 -26.77 19.23 3.39
N LEU A 68 -25.68 19.73 3.99
CA LEU A 68 -25.20 19.21 5.26
CA LEU A 68 -25.17 19.20 5.27
C LEU A 68 -24.77 20.34 6.19
N SER A 69 -25.26 20.29 7.43
CA SER A 69 -24.92 21.24 8.49
C SER A 69 -23.97 20.50 9.45
N ALA A 70 -22.97 21.21 9.93
CA ALA A 70 -21.94 20.65 10.82
C ALA A 70 -22.51 19.96 12.06
N THR A 71 -23.58 20.52 12.64
CA THR A 71 -24.24 19.93 13.82
C THR A 71 -24.78 18.52 13.61
N ASP A 72 -25.13 18.20 12.35
CA ASP A 72 -25.59 16.85 11.96
C ASP A 72 -24.46 15.91 11.57
N SER A 73 -23.23 16.29 11.85
CA SER A 73 -22.10 15.49 11.44
C SER A 73 -20.99 15.49 12.45
N TYR A 74 -20.09 14.54 12.26
CA TYR A 74 -18.80 14.51 12.93
C TYR A 74 -18.08 15.78 12.50
N GLY A 75 -17.45 16.47 13.44
CA GLY A 75 -16.63 17.66 13.17
C GLY A 75 -17.22 19.05 13.13
N THR A 76 -16.33 20.03 13.27
CA THR A 76 -16.71 21.43 13.23
C THR A 76 -15.97 22.27 12.21
N TRP A 77 -15.00 21.68 11.50
CA TRP A 77 -14.17 22.39 10.51
C TRP A 77 -13.68 21.44 9.43
N GLY A 78 -13.15 21.99 8.35
CA GLY A 78 -12.65 21.13 7.29
C GLY A 78 -13.68 20.28 6.53
N PHE A 79 -14.87 20.82 6.28
CA PHE A 79 -15.87 20.13 5.43
C PHE A 79 -15.45 20.28 3.97
N TRP A 80 -14.80 19.24 3.45
CA TRP A 80 -14.24 19.22 2.09
C TRP A 80 -14.69 18.06 1.19
N ALA A 81 -14.64 18.32 -0.12
CA ALA A 81 -14.72 17.28 -1.15
C ALA A 81 -15.91 16.30 -1.05
N PRO A 82 -17.15 16.85 -1.02
CA PRO A 82 -18.33 16.01 -0.97
C PRO A 82 -18.62 15.33 -2.31
N GLU A 83 -19.15 14.11 -2.26
CA GLU A 83 -19.73 13.44 -3.44
C GLU A 83 -21.05 12.85 -2.98
N VAL A 84 -22.07 12.93 -3.83
CA VAL A 84 -23.42 12.44 -3.52
C VAL A 84 -23.85 11.43 -4.60
N TYR A 85 -24.47 10.33 -4.16
CA TYR A 85 -24.89 9.26 -5.02
C TYR A 85 -26.24 8.72 -4.58
N TYR A 86 -27.12 8.44 -5.56
CA TYR A 86 -28.38 7.78 -5.29
C TYR A 86 -28.01 6.32 -5.42
N VAL A 87 -28.10 5.58 -4.30
CA VAL A 87 -27.76 4.16 -4.30
CA VAL A 87 -27.76 4.15 -4.25
C VAL A 87 -29.05 3.34 -4.50
N GLU A 88 -29.15 2.73 -5.68
CA GLU A 88 -30.32 1.93 -6.12
C GLU A 88 -30.66 0.80 -5.14
N SER A 89 -29.60 0.12 -4.68
CA SER A 89 -29.65 -0.94 -3.65
C SER A 89 -30.38 -0.50 -2.38
N LYS A 90 -30.12 0.73 -1.92
CA LYS A 90 -30.69 1.28 -0.67
C LYS A 90 -31.87 2.24 -0.83
N LYS A 91 -32.16 2.66 -2.07
CA LYS A 91 -33.20 3.67 -2.40
C LYS A 91 -33.15 4.93 -1.54
N LYS A 92 -31.93 5.49 -1.50
CA LYS A 92 -31.58 6.63 -0.65
C LYS A 92 -30.29 7.30 -1.18
N PHE A 93 -30.13 8.58 -0.87
CA PHE A 93 -28.93 9.35 -1.25
C PHE A 93 -27.84 9.23 -0.18
N TYR A 94 -26.58 9.04 -0.60
CA TYR A 94 -25.42 8.96 0.28
C TYR A 94 -24.45 10.10 -0.06
N LEU A 95 -24.07 10.87 0.96
CA LEU A 95 -23.08 11.92 0.87
C LEU A 95 -21.78 11.43 1.55
N PHE A 96 -20.71 11.31 0.77
CA PHE A 96 -19.40 10.92 1.27
C PHE A 96 -18.55 12.19 1.30
N TYR A 97 -17.82 12.41 2.38
CA TYR A 97 -17.11 13.68 2.56
C TYR A 97 -15.99 13.60 3.57
N SER A 98 -15.23 14.69 3.69
CA SER A 98 -14.19 14.84 4.66
C SER A 98 -14.62 15.87 5.67
N ALA A 99 -14.24 15.68 6.92
CA ALA A 99 -14.52 16.62 8.01
C ALA A 99 -13.40 16.44 9.02
N GLU A 100 -12.71 17.53 9.41
CA GLU A 100 -11.52 17.49 10.29
C GLU A 100 -10.46 16.44 9.86
N GLU A 101 -10.24 16.33 8.54
CA GLU A 101 -9.30 15.40 7.95
C GLU A 101 -9.62 13.91 8.21
N HIS A 102 -10.92 13.58 8.34
CA HIS A 102 -11.40 12.19 8.46
C HIS A 102 -12.49 12.02 7.43
N ILE A 103 -12.70 10.79 6.98
CA ILE A 103 -13.74 10.50 5.98
C ILE A 103 -15.02 10.04 6.66
N CYS A 104 -16.14 10.51 6.12
CA CYS A 104 -17.47 10.35 6.68
C CYS A 104 -18.54 10.13 5.65
N VAL A 105 -19.67 9.60 6.13
CA VAL A 105 -20.83 9.37 5.29
C VAL A 105 -22.11 9.73 6.03
N ALA A 106 -22.99 10.45 5.32
CA ALA A 106 -24.31 10.86 5.77
C ALA A 106 -25.32 10.45 4.73
N THR A 107 -26.59 10.41 5.10
CA THR A 107 -27.65 10.05 4.17
C THR A 107 -28.80 11.07 4.16
N SER A 108 -29.56 11.01 3.08
CA SER A 108 -30.74 11.82 2.84
C SER A 108 -31.74 11.07 1.98
N THR A 109 -33.02 11.37 2.18
CA THR A 109 -34.06 10.82 1.30
C THR A 109 -34.20 11.65 0.02
N THR A 110 -33.63 12.87 -0.03
CA THR A 110 -33.70 13.73 -1.20
C THR A 110 -32.30 14.20 -1.67
N PRO A 111 -32.18 14.64 -2.94
CA PRO A 111 -30.87 15.14 -3.42
C PRO A 111 -30.32 16.37 -2.66
N GLU A 112 -31.22 17.27 -2.25
CA GLU A 112 -30.86 18.54 -1.61
C GLU A 112 -30.59 18.46 -0.11
N GLY A 113 -30.98 17.34 0.52
CA GLY A 113 -30.78 17.15 1.95
C GLY A 113 -32.07 17.37 2.75
N PRO A 114 -31.98 17.44 4.08
CA PRO A 114 -30.75 17.41 4.87
C PRO A 114 -30.06 16.05 4.95
N PHE A 115 -28.75 16.04 4.63
CA PHE A 115 -27.93 14.83 4.84
C PHE A 115 -27.52 14.83 6.30
N ARG A 116 -27.71 13.72 6.98
CA ARG A 116 -27.35 13.60 8.38
C ARG A 116 -26.68 12.28 8.71
N GLN A 117 -25.89 12.32 9.78
CA GLN A 117 -25.37 11.12 10.39
C GLN A 117 -26.22 10.82 11.63
N GLU A 118 -26.60 9.55 11.80
CA GLU A 118 -27.30 9.10 13.01
C GLU A 118 -26.34 9.15 14.21
N VAL A 119 -25.13 8.64 14.01
CA VAL A 119 -24.06 8.69 15.00
C VAL A 119 -22.95 9.50 14.33
N LYS A 120 -22.45 10.52 15.02
CA LYS A 120 -21.50 11.51 14.45
C LYS A 120 -20.05 11.05 14.55
N GLN A 121 -19.73 10.06 13.73
CA GLN A 121 -18.39 9.50 13.67
C GLN A 121 -17.97 9.25 12.25
N PRO A 122 -16.65 9.22 12.02
CA PRO A 122 -16.16 8.92 10.68
C PRO A 122 -16.24 7.41 10.39
N ILE A 123 -15.92 7.05 9.15
CA ILE A 123 -15.93 5.66 8.63
C ILE A 123 -14.86 4.82 9.37
N TRP A 124 -13.67 5.40 9.55
CA TRP A 124 -12.56 4.80 10.30
C TRP A 124 -11.74 5.91 10.99
N SER A 125 -10.82 5.51 11.87
CA SER A 125 -10.08 6.47 12.71
C SER A 125 -8.88 7.20 12.11
N GLU A 126 -8.24 6.62 11.09
CA GLU A 126 -7.06 7.26 10.48
C GLU A 126 -7.46 8.47 9.65
N LYS A 127 -6.66 9.54 9.77
CA LYS A 127 -6.84 10.76 8.97
C LYS A 127 -6.88 10.41 7.48
N SER A 128 -7.84 10.98 6.77
CA SER A 128 -8.06 10.69 5.37
C SER A 128 -9.03 11.66 4.80
N ILE A 129 -8.93 11.88 3.49
CA ILE A 129 -9.79 12.82 2.79
C ILE A 129 -10.14 12.35 1.37
N ASP A 130 -10.99 13.13 0.72
CA ASP A 130 -11.30 12.97 -0.71
C ASP A 130 -11.96 11.63 -1.13
N THR A 131 -12.92 11.22 -0.33
CA THR A 131 -13.74 10.05 -0.60
C THR A 131 -14.36 10.07 -2.01
N SER A 132 -14.32 8.93 -2.69
CA SER A 132 -15.05 8.74 -3.93
C SER A 132 -15.44 7.26 -3.97
N LEU A 133 -16.77 7.02 -4.08
CA LEU A 133 -17.34 5.68 -4.13
C LEU A 133 -17.50 5.17 -5.56
N PHE A 134 -17.27 3.86 -5.69
CA PHE A 134 -17.50 3.13 -6.93
C PHE A 134 -18.13 1.77 -6.61
N ILE A 135 -19.27 1.47 -7.24
CA ILE A 135 -19.96 0.18 -7.06
C ILE A 135 -19.83 -0.55 -8.39
N ASP A 136 -19.15 -1.69 -8.37
CA ASP A 136 -18.83 -2.41 -9.60
C ASP A 136 -20.05 -3.20 -10.12
N ASP A 137 -19.93 -3.71 -11.34
CA ASP A 137 -20.95 -4.55 -11.99
C ASP A 137 -21.34 -5.78 -11.14
N ASP A 138 -20.37 -6.27 -10.37
CA ASP A 138 -20.42 -7.35 -9.36
CA ASP A 138 -20.61 -7.42 -9.45
C ASP A 138 -21.35 -7.03 -8.16
N GLY A 139 -21.59 -5.74 -7.92
CA GLY A 139 -22.31 -5.25 -6.73
C GLY A 139 -21.40 -4.88 -5.56
N THR A 140 -20.09 -5.05 -5.71
CA THR A 140 -19.12 -4.80 -4.66
C THR A 140 -18.81 -3.30 -4.58
N PRO A 141 -18.99 -2.68 -3.40
CA PRO A 141 -18.66 -1.25 -3.22
C PRO A 141 -17.17 -1.04 -2.93
N TYR A 142 -16.57 -0.04 -3.58
CA TYR A 142 -15.16 0.37 -3.33
C TYR A 142 -15.12 1.84 -2.99
N LEU A 143 -14.32 2.22 -1.99
CA LEU A 143 -14.10 3.62 -1.62
C LEU A 143 -12.64 3.97 -1.86
N TYR A 144 -12.44 5.02 -2.66
CA TYR A 144 -11.15 5.62 -2.97
C TYR A 144 -11.04 6.83 -2.05
N PHE A 145 -9.85 7.03 -1.48
CA PHE A 145 -9.61 8.10 -0.52
C PHE A 145 -8.11 8.27 -0.38
N VAL A 146 -7.71 9.38 0.21
CA VAL A 146 -6.29 9.74 0.41
C VAL A 146 -5.86 9.40 1.81
N ARG A 147 -4.73 8.70 1.95
CA ARG A 147 -4.08 8.53 3.25
C ARG A 147 -2.76 9.30 3.11
N PHE A 148 -2.28 9.79 4.25
CA PHE A 148 -1.05 10.57 4.31
C PHE A 148 0.11 9.62 4.63
N THR A 149 0.39 8.73 3.68
CA THR A 149 1.38 7.67 3.84
C THR A 149 2.72 7.96 3.18
N ASP A 150 2.71 8.77 2.12
CA ASP A 150 3.95 9.13 1.41
C ASP A 150 3.55 10.30 0.53
N GLY A 151 3.37 11.41 1.24
CA GLY A 151 2.66 12.55 0.73
C GLY A 151 1.18 12.16 0.81
N ASN A 152 0.35 12.89 0.08
CA ASN A 152 -1.03 12.48 -0.10
C ASN A 152 -1.01 11.36 -1.13
N VAL A 153 -1.47 10.16 -0.72
CA VAL A 153 -1.55 8.96 -1.59
C VAL A 153 -2.97 8.45 -1.66
N ILE A 154 -3.42 8.13 -2.88
CA ILE A 154 -4.73 7.57 -3.11
C ILE A 154 -4.72 6.06 -2.84
N TRP A 155 -5.55 5.67 -1.90
CA TRP A 155 -5.77 4.28 -1.49
C TRP A 155 -7.18 3.84 -1.88
N VAL A 156 -7.44 2.54 -1.83
CA VAL A 156 -8.76 2.00 -2.02
C VAL A 156 -8.96 0.88 -1.02
N ALA A 157 -10.22 0.67 -0.63
CA ALA A 157 -10.64 -0.48 0.18
C ALA A 157 -12.08 -0.82 -0.17
N GLN A 158 -12.44 -2.08 -0.06
CA GLN A 158 -13.82 -2.51 -0.25
C GLN A 158 -14.61 -2.01 0.95
N MSE A 159 -15.85 -1.58 0.73
CA MSE A 159 -16.74 -1.17 1.82
C MSE A 159 -17.59 -2.35 2.27
O MSE A 159 -17.77 -3.32 1.54
CB MSE A 159 -17.70 -0.02 1.42
CG MSE A 159 -17.04 1.23 0.90
SE MSE A 159 -18.10 2.82 1.25
CE MSE A 159 -17.64 3.02 3.09
N THR A 160 -18.14 -2.24 3.48
CA THR A 160 -19.14 -3.20 3.94
C THR A 160 -20.46 -2.97 3.13
N ASP A 161 -21.42 -3.87 3.30
CA ASP A 161 -22.71 -3.82 2.57
C ASP A 161 -23.49 -2.53 2.87
N ASP A 162 -23.39 -2.04 4.11
CA ASP A 162 -24.13 -0.83 4.53
C ASP A 162 -23.46 0.49 4.10
N LEU A 163 -22.29 0.41 3.45
CA LEU A 163 -21.55 1.62 2.99
C LEU A 163 -21.06 2.57 4.12
N MSE A 164 -21.00 2.02 5.36
CA MSE A 164 -20.67 2.76 6.57
CA MSE A 164 -20.63 2.79 6.57
C MSE A 164 -19.22 2.48 7.04
O MSE A 164 -18.67 3.23 7.82
CB MSE A 164 -21.69 2.32 7.65
CB MSE A 164 -21.54 2.44 7.78
CG MSE A 164 -22.02 3.37 8.67
CG MSE A 164 -23.04 2.38 7.60
SE MSE A 164 -23.30 4.71 8.03
SE MSE A 164 -24.16 3.93 7.56
CE MSE A 164 -23.18 4.44 6.13
CE MSE A 164 -23.69 4.70 5.85
N SER A 165 -18.63 1.39 6.58
CA SER A 165 -17.29 0.99 7.00
C SER A 165 -16.48 0.47 5.83
N ILE A 166 -15.17 0.55 5.97
CA ILE A 166 -14.25 -0.08 5.00
C ILE A 166 -13.75 -1.40 5.59
N LYS A 167 -13.42 -2.35 4.71
CA LYS A 167 -12.85 -3.62 5.10
C LYS A 167 -11.36 -3.38 5.03
N THR A 168 -10.74 -3.11 6.19
CA THR A 168 -9.31 -2.75 6.22
C THR A 168 -8.34 -3.79 5.67
N GLU A 169 -8.72 -5.08 5.73
CA GLU A 169 -7.91 -6.13 5.11
C GLU A 169 -7.85 -6.04 3.56
N THR A 170 -8.74 -5.27 2.93
CA THR A 170 -8.72 -5.06 1.47
C THR A 170 -7.95 -3.79 1.05
N LEU A 171 -7.36 -3.06 2.01
CA LEU A 171 -6.54 -1.85 1.69
C LEU A 171 -5.51 -2.14 0.60
N ASN A 172 -5.51 -1.28 -0.41
CA ASN A 172 -4.57 -1.31 -1.53
C ASN A 172 -4.14 0.10 -1.89
N GLN A 173 -2.87 0.24 -2.24
CA GLN A 173 -2.30 1.51 -2.65
C GLN A 173 -2.45 1.72 -4.15
N CYS A 174 -3.02 2.87 -4.54
CA CYS A 174 -3.32 3.18 -5.94
C CYS A 174 -2.29 4.08 -6.65
N ILE A 175 -2.21 5.34 -6.20
CA ILE A 175 -1.41 6.38 -6.87
C ILE A 175 -0.70 7.34 -5.90
N LYS A 176 0.60 7.55 -6.13
CA LYS A 176 1.36 8.58 -5.41
C LYS A 176 2.01 9.53 -6.45
N ALA A 177 2.37 10.74 -5.99
CA ALA A 177 3.01 11.77 -6.85
C ALA A 177 4.44 11.29 -7.17
N GLU A 178 4.72 11.04 -8.46
CA GLU A 178 5.97 10.41 -8.94
CA GLU A 178 6.03 10.47 -8.88
C GLU A 178 6.71 11.10 -10.09
N VAL A 179 5.96 11.52 -11.11
CA VAL A 179 6.53 12.14 -12.32
C VAL A 179 6.60 13.66 -12.21
N SER A 180 7.31 14.30 -13.13
CA SER A 180 7.58 15.76 -13.05
C SER A 180 6.36 16.65 -12.86
N TRP A 181 5.34 16.50 -13.72
CA TRP A 181 4.13 17.34 -13.64
C TRP A 181 3.38 17.18 -12.32
N GLU A 182 3.55 16.02 -11.68
CA GLU A 182 2.95 15.70 -10.37
C GLU A 182 3.75 16.18 -9.16
N LEU A 183 4.94 16.74 -9.38
CA LEU A 183 5.85 17.19 -8.33
C LEU A 183 6.29 18.66 -8.54
N LEU A 184 5.33 19.51 -8.91
CA LEU A 184 5.56 20.94 -8.97
C LEU A 184 5.58 21.54 -7.55
N GLN A 185 4.73 21.06 -6.64
CA GLN A 185 4.69 21.55 -5.25
C GLN A 185 4.21 20.45 -4.32
N GLY A 186 5.00 20.12 -3.30
CA GLY A 186 4.64 19.06 -2.37
C GLY A 186 4.67 17.70 -3.04
N LYS A 187 4.09 16.71 -2.36
CA LYS A 187 3.99 15.34 -2.87
C LYS A 187 2.52 14.98 -2.62
N VAL A 188 1.70 15.17 -3.67
CA VAL A 188 0.24 15.06 -3.56
CA VAL A 188 0.26 14.98 -3.53
C VAL A 188 -0.42 14.41 -4.76
N ALA A 189 -1.18 13.34 -4.52
CA ALA A 189 -2.05 12.67 -5.49
C ALA A 189 -3.35 12.60 -4.70
N GLU A 190 -4.44 13.11 -5.25
CA GLU A 190 -5.69 13.23 -4.50
C GLU A 190 -6.89 13.43 -5.42
N GLY A 191 -8.05 13.71 -4.81
CA GLY A 191 -9.30 13.92 -5.53
C GLY A 191 -9.61 12.82 -6.52
N PRO A 192 -9.56 11.53 -6.09
CA PRO A 192 -9.90 10.42 -7.00
C PRO A 192 -11.34 10.42 -7.57
N SER A 193 -11.46 9.84 -8.77
CA SER A 193 -12.74 9.57 -9.45
C SER A 193 -12.57 8.25 -10.22
N LEU A 194 -13.56 7.38 -10.16
CA LEU A 194 -13.48 6.06 -10.80
C LEU A 194 -14.58 5.92 -11.83
N LEU A 195 -14.18 5.45 -13.01
CA LEU A 195 -15.13 5.07 -14.08
C LEU A 195 -14.67 3.74 -14.67
N LYS A 196 -15.63 2.90 -15.04
CA LYS A 196 -15.33 1.63 -15.71
C LYS A 196 -15.92 1.69 -17.11
N LYS A 197 -15.16 1.26 -18.11
CA LYS A 197 -15.68 1.16 -19.49
C LYS A 197 -14.96 0.04 -20.24
N ASN A 198 -15.75 -0.87 -20.85
CA ASN A 198 -15.24 -2.01 -21.64
C ASN A 198 -14.16 -2.85 -20.90
N GLY A 199 -14.42 -3.13 -19.62
CA GLY A 199 -13.55 -3.94 -18.78
C GLY A 199 -12.32 -3.31 -18.17
N VAL A 200 -12.13 -2.00 -18.36
CA VAL A 200 -10.97 -1.29 -17.85
C VAL A 200 -11.46 -0.28 -16.83
N TYR A 201 -10.74 -0.21 -15.69
CA TYR A 201 -11.06 0.72 -14.60
C TYR A 201 -10.11 1.91 -14.74
N TYR A 202 -10.69 3.12 -14.82
CA TYR A 202 -10.00 4.38 -14.98
C TYR A 202 -10.07 5.17 -13.70
N LEU A 203 -8.90 5.45 -13.12
CA LEU A 203 -8.78 6.23 -11.89
CA LEU A 203 -8.76 6.23 -11.90
C LEU A 203 -8.26 7.60 -12.31
N ILE A 204 -9.14 8.61 -12.20
CA ILE A 204 -8.87 9.99 -12.59
C ILE A 204 -8.59 10.80 -11.30
N TYR A 205 -7.44 11.46 -11.25
CA TYR A 205 -6.97 12.10 -10.04
C TYR A 205 -6.29 13.43 -10.29
N SER A 206 -6.08 14.18 -9.21
CA SER A 206 -5.34 15.44 -9.24
C SER A 206 -3.99 15.33 -8.51
N ALA A 207 -2.97 16.05 -8.99
CA ALA A 207 -1.66 16.10 -8.34
C ALA A 207 -1.20 17.54 -8.11
N ASN A 208 -0.32 17.68 -7.10
CA ASN A 208 0.25 18.92 -6.56
C ASN A 208 -0.61 19.54 -5.50
N HIS A 209 0.02 20.33 -4.64
CA HIS A 209 -0.73 21.13 -3.65
C HIS A 209 -1.72 21.99 -4.46
N TYR A 210 -2.99 22.05 -4.04
CA TYR A 210 -4.03 22.82 -4.77
C TYR A 210 -3.67 24.30 -5.02
N GLU A 211 -2.87 24.86 -4.10
CA GLU A 211 -2.40 26.24 -4.22
C GLU A 211 -1.48 26.50 -5.39
N ASN A 212 -0.89 25.47 -5.97
CA ASN A 212 0.02 25.64 -7.11
C ASN A 212 -0.78 25.93 -8.37
N LYS A 213 -0.32 26.86 -9.21
CA LYS A 213 -0.98 27.12 -10.51
C LYS A 213 -1.01 25.89 -11.43
N GLY A 214 -0.06 24.97 -11.19
CA GLY A 214 0.10 23.71 -11.88
C GLY A 214 -0.65 22.52 -11.31
N TYR A 215 -1.57 22.77 -10.36
CA TYR A 215 -2.55 21.73 -9.95
C TYR A 215 -3.13 21.21 -11.26
N GLY A 216 -3.22 19.89 -11.40
CA GLY A 216 -3.70 19.29 -12.62
C GLY A 216 -4.27 17.90 -12.47
N VAL A 217 -4.98 17.46 -13.51
CA VAL A 217 -5.66 16.19 -13.53
C VAL A 217 -4.99 15.19 -14.48
N GLY A 218 -4.88 13.94 -14.03
CA GLY A 218 -4.37 12.86 -14.86
C GLY A 218 -5.17 11.60 -14.58
N TYR A 219 -4.85 10.52 -15.28
CA TYR A 219 -5.48 9.22 -14.97
C TYR A 219 -4.51 8.02 -15.02
N ALA A 220 -5.03 6.90 -14.51
CA ALA A 220 -4.36 5.60 -14.51
C ALA A 220 -5.42 4.54 -14.75
N THR A 221 -4.99 3.44 -15.35
CA THR A 221 -5.88 2.33 -15.66
C THR A 221 -5.47 1.05 -14.95
N SER A 222 -6.43 0.13 -14.89
CA SER A 222 -6.20 -1.20 -14.35
CA SER A 222 -6.22 -1.19 -14.31
C SER A 222 -7.31 -2.15 -14.79
N ASP A 223 -7.00 -3.44 -14.82
CA ASP A 223 -7.96 -4.48 -15.14
C ASP A 223 -8.78 -4.86 -13.88
N THR A 224 -8.41 -4.33 -12.70
CA THR A 224 -9.18 -4.57 -11.47
C THR A 224 -9.48 -3.22 -10.78
N PRO A 225 -10.53 -3.16 -9.94
CA PRO A 225 -10.84 -1.92 -9.21
C PRO A 225 -9.76 -1.51 -8.19
N MSE A 226 -8.91 -2.44 -7.77
CA MSE A 226 -7.87 -2.14 -6.78
C MSE A 226 -6.46 -2.35 -7.35
O MSE A 226 -5.56 -2.73 -6.62
CB MSE A 226 -8.11 -2.90 -5.49
CG MSE A 226 -9.48 -2.65 -4.90
SE MSE A 226 -9.61 -3.22 -3.10
CE MSE A 226 -9.29 -5.10 -3.43
N GLY A 227 -6.29 -2.07 -8.65
CA GLY A 227 -4.98 -2.12 -9.26
C GLY A 227 -4.52 -3.49 -9.70
N PRO A 228 -3.22 -3.61 -10.05
CA PRO A 228 -2.22 -2.50 -10.09
C PRO A 228 -2.48 -1.48 -11.22
N TRP A 229 -1.92 -0.29 -11.07
CA TRP A 229 -2.23 0.86 -11.93
C TRP A 229 -1.09 1.36 -12.82
N VAL A 230 -1.42 1.61 -14.10
CA VAL A 230 -0.47 2.19 -15.05
CA VAL A 230 -0.51 2.17 -15.10
C VAL A 230 -1.00 3.57 -15.44
N LYS A 231 -0.18 4.59 -15.22
CA LYS A 231 -0.53 5.98 -15.52
C LYS A 231 -0.44 6.20 -17.00
N TYR A 232 -1.41 6.96 -17.52
CA TYR A 232 -1.40 7.40 -18.92
C TYR A 232 -0.09 8.15 -19.20
N SER A 233 0.59 7.79 -20.29
CA SER A 233 1.89 8.35 -20.62
CA SER A 233 1.89 8.34 -20.62
C SER A 233 1.86 9.84 -20.96
N LYS A 234 0.72 10.34 -21.47
CA LYS A 234 0.55 11.77 -21.84
C LYS A 234 -0.18 12.58 -20.75
N ASN A 235 -0.18 12.10 -19.50
CA ASN A 235 -0.71 12.94 -18.40
C ASN A 235 0.17 14.21 -18.33
N PRO A 236 -0.39 15.36 -17.90
CA PRO A 236 -1.78 15.54 -17.44
C PRO A 236 -2.84 15.79 -18.54
N LEU A 237 -4.08 15.44 -18.23
CA LEU A 237 -5.22 15.72 -19.09
C LEU A 237 -5.62 17.19 -19.05
N LEU A 238 -5.40 17.84 -17.89
CA LEU A 238 -5.83 19.21 -17.64
C LEU A 238 -4.87 19.85 -16.64
N GLN A 239 -4.20 20.92 -17.04
CA GLN A 239 -3.28 21.69 -16.19
C GLN A 239 -3.30 23.14 -16.71
N GLY A 240 -4.41 23.80 -16.43
CA GLY A 240 -4.69 25.17 -16.85
C GLY A 240 -5.38 25.14 -18.21
N ASP A 241 -6.46 25.93 -18.37
CA ASP A 241 -7.20 26.06 -19.65
C ASP A 241 -6.62 27.25 -20.39
N ALA A 242 -6.16 27.01 -21.61
CA ALA A 242 -5.47 28.02 -22.41
C ALA A 242 -6.37 29.19 -22.82
N ALA A 243 -7.56 28.89 -23.34
CA ALA A 243 -8.46 29.95 -23.83
C ALA A 243 -8.91 30.97 -22.74
N THR A 244 -9.25 30.45 -21.57
CA THR A 244 -9.75 31.26 -20.44
CA THR A 244 -9.73 31.28 -20.44
C THR A 244 -8.60 31.76 -19.54
N GLY A 245 -7.46 31.06 -19.56
CA GLY A 245 -6.34 31.40 -18.70
C GLY A 245 -6.60 30.97 -17.25
N LEU A 246 -7.55 30.03 -17.04
CA LEU A 246 -7.81 29.51 -15.69
C LEU A 246 -6.60 28.67 -15.30
N VAL A 247 -6.15 28.82 -14.06
CA VAL A 247 -5.00 28.07 -13.50
C VAL A 247 -5.44 27.41 -12.19
N GLY A 248 -4.58 26.55 -11.63
CA GLY A 248 -4.96 25.79 -10.41
C GLY A 248 -6.16 24.87 -10.67
N THR A 249 -6.23 24.28 -11.88
CA THR A 249 -7.34 23.46 -12.34
C THR A 249 -7.30 22.03 -11.84
N GLY A 250 -8.25 21.67 -10.99
CA GLY A 250 -8.28 20.30 -10.46
C GLY A 250 -9.42 19.94 -9.56
N HIS A 251 -9.25 18.79 -8.90
CA HIS A 251 -10.24 18.11 -8.03
C HIS A 251 -11.61 18.20 -8.65
N GLY A 252 -11.80 17.38 -9.67
CA GLY A 252 -13.05 17.37 -10.41
C GLY A 252 -13.78 16.06 -10.36
N ALA A 253 -14.76 15.95 -11.24
CA ALA A 253 -15.57 14.74 -11.34
C ALA A 253 -16.19 14.60 -12.73
N PRO A 254 -16.19 13.36 -13.30
CA PRO A 254 -16.86 13.14 -14.58
C PRO A 254 -18.35 12.89 -14.36
N PHE A 255 -19.19 13.28 -15.32
CA PHE A 255 -20.64 12.99 -15.23
C PHE A 255 -21.31 12.98 -16.60
N GLN A 256 -22.38 12.18 -16.72
CA GLN A 256 -23.14 12.07 -17.98
CA GLN A 256 -23.11 12.07 -17.99
C GLN A 256 -24.21 13.15 -18.01
N CYS A 257 -24.56 13.58 -19.22
CA CYS A 257 -25.56 14.62 -19.41
C CYS A 257 -26.84 14.07 -20.01
N LYS A 258 -27.85 14.94 -20.05
CA LYS A 258 -29.20 14.64 -20.57
C LYS A 258 -29.15 13.95 -21.94
N ASP A 259 -28.26 14.44 -22.80
CA ASP A 259 -28.07 13.93 -24.19
C ASP A 259 -27.17 12.69 -24.35
N GLY A 260 -26.55 12.22 -23.26
CA GLY A 260 -25.69 11.04 -23.28
C GLY A 260 -24.21 11.27 -23.46
N SER A 261 -23.79 12.54 -23.55
CA SER A 261 -22.38 12.89 -23.66
C SER A 261 -21.88 13.07 -22.23
N TRP A 262 -20.57 13.26 -22.07
CA TRP A 262 -19.98 13.46 -20.75
C TRP A 262 -19.27 14.81 -20.61
N LYS A 263 -19.17 15.23 -19.36
CA LYS A 263 -18.56 16.50 -19.00
C LYS A 263 -17.72 16.24 -17.79
N TYR A 264 -16.79 17.14 -17.53
CA TYR A 264 -15.90 17.06 -16.35
C TYR A 264 -15.95 18.40 -15.61
N ILE A 265 -16.47 18.40 -14.38
CA ILE A 265 -16.56 19.64 -13.57
C ILE A 265 -15.27 19.72 -12.77
N PHE A 266 -14.74 20.92 -12.59
CA PHE A 266 -13.49 21.12 -11.86
C PHE A 266 -13.41 22.56 -11.35
N HIS A 267 -12.52 22.78 -10.38
CA HIS A 267 -12.29 24.13 -9.86
C HIS A 267 -11.02 24.74 -10.47
N ALA A 268 -10.86 26.03 -10.22
CA ALA A 268 -9.67 26.76 -10.61
C ALA A 268 -9.49 27.89 -9.59
N HIS A 269 -8.29 28.46 -9.53
CA HIS A 269 -8.07 29.64 -8.69
C HIS A 269 -9.00 30.78 -9.10
N TRP A 270 -9.25 31.69 -8.15
CA TRP A 270 -10.05 32.88 -8.41
C TRP A 270 -9.54 33.63 -9.65
N SER A 271 -8.23 33.74 -9.78
CA SER A 271 -7.58 34.42 -10.90
C SER A 271 -6.10 34.11 -10.83
N ALA A 272 -5.30 34.62 -11.79
CA ALA A 272 -3.84 34.47 -11.75
C ALA A 272 -3.17 35.12 -10.52
N ALA A 273 -3.78 36.18 -9.95
CA ALA A 273 -3.25 36.92 -8.78
C ALA A 273 -3.61 36.36 -7.40
N GLU A 274 -4.79 35.74 -7.31
CA GLU A 274 -5.37 35.32 -6.05
C GLU A 274 -5.93 33.88 -6.16
N ILE A 275 -5.61 33.03 -5.19
CA ILE A 275 -6.16 31.66 -5.17
C ILE A 275 -7.63 31.69 -4.74
N GLN A 276 -7.90 32.37 -3.62
CA GLN A 276 -9.23 32.38 -3.01
C GLN A 276 -10.20 33.46 -3.51
N PRO A 277 -11.49 33.12 -3.68
CA PRO A 277 -12.10 31.82 -3.47
C PRO A 277 -12.02 31.01 -4.76
N ARG A 278 -11.71 29.72 -4.67
CA ARG A 278 -11.80 28.87 -5.86
C ARG A 278 -13.27 28.75 -6.31
N THR A 279 -13.46 28.62 -7.61
CA THR A 279 -14.78 28.49 -8.24
C THR A 279 -14.71 27.39 -9.29
N SER A 280 -15.88 26.90 -9.73
CA SER A 280 -15.93 25.74 -10.60
C SER A 280 -16.40 26.02 -12.01
N TYR A 281 -15.94 25.14 -12.90
CA TYR A 281 -16.09 25.24 -14.37
C TYR A 281 -16.34 23.85 -14.96
N ILE A 282 -16.82 23.81 -16.20
CA ILE A 282 -17.15 22.54 -16.88
C ILE A 282 -16.54 22.45 -18.30
N LYS A 283 -15.92 21.30 -18.62
CA LYS A 283 -15.36 21.00 -19.94
C LYS A 283 -15.97 19.69 -20.41
N ASP A 284 -15.68 19.29 -21.65
CA ASP A 284 -16.13 18.02 -22.17
C ASP A 284 -15.23 16.92 -21.63
N PHE A 285 -15.78 15.71 -21.58
CA PHE A 285 -15.11 14.52 -21.10
C PHE A 285 -15.45 13.32 -21.96
N ALA A 286 -14.47 12.48 -22.25
CA ALA A 286 -14.75 11.25 -22.99
C ALA A 286 -13.66 10.21 -22.86
N ILE A 287 -14.07 8.95 -23.02
CA ILE A 287 -13.14 7.80 -23.06
C ILE A 287 -13.38 7.21 -24.45
N SER A 288 -12.36 7.23 -25.29
CA SER A 288 -12.43 6.74 -26.67
C SER A 288 -12.58 5.22 -26.76
N ASP A 289 -12.83 4.74 -27.99
CA ASP A 289 -12.90 3.29 -28.25
C ASP A 289 -11.55 2.60 -28.00
N GLN A 290 -10.44 3.34 -28.14
CA GLN A 290 -9.11 2.80 -27.84
C GLN A 290 -8.69 3.07 -26.38
N GLY A 291 -9.67 3.33 -25.50
CA GLY A 291 -9.43 3.53 -24.08
C GLY A 291 -8.59 4.71 -23.64
N VAL A 292 -8.68 5.84 -24.35
CA VAL A 292 -7.91 7.06 -24.00
C VAL A 292 -8.89 8.12 -23.51
N VAL A 293 -8.60 8.71 -22.35
CA VAL A 293 -9.47 9.73 -21.75
C VAL A 293 -9.06 11.12 -22.24
N THR A 294 -10.04 12.01 -22.45
CA THR A 294 -9.82 13.40 -22.84
C THR A 294 -10.72 14.33 -22.03
N ILE A 295 -10.15 15.45 -21.63
CA ILE A 295 -10.86 16.56 -21.01
C ILE A 295 -10.54 17.67 -22.00
N SER A 296 -11.58 18.25 -22.59
CA SER A 296 -11.43 19.22 -23.67
C SER A 296 -12.64 20.15 -23.86
N GLY A 297 -12.55 21.00 -24.87
CA GLY A 297 -13.64 21.88 -25.22
C GLY A 297 -13.65 23.23 -24.54
N THR A 298 -14.49 24.10 -25.08
CA THR A 298 -14.66 25.44 -24.56
C THR A 298 -15.23 25.31 -23.14
N VAL A 299 -14.60 26.00 -22.20
CA VAL A 299 -15.08 26.06 -20.80
C VAL A 299 -16.48 26.70 -20.62
N ILE A 300 -17.39 25.99 -19.96
CA ILE A 300 -18.67 26.58 -19.53
C ILE A 300 -18.35 27.30 -18.23
N LYS A 301 -18.66 28.60 -18.18
CA LYS A 301 -18.42 29.45 -17.01
C LYS A 301 -19.76 29.55 -16.31
N PRO A 302 -20.02 28.69 -15.31
CA PRO A 302 -21.34 28.74 -14.69
C PRO A 302 -21.57 29.98 -13.80
N ARG A 303 -22.82 30.29 -13.54
CA ARG A 303 -23.18 31.42 -12.64
C ARG A 303 -24.35 30.98 -11.80
N VAL A 304 -24.62 31.71 -10.72
CA VAL A 304 -25.74 31.38 -9.82
C VAL A 304 -26.74 32.50 -9.85
N LEU A 305 -28.02 32.12 -10.04
CA LEU A 305 -29.15 33.02 -10.12
C LEU A 305 -30.11 32.83 -8.95
N LYS A 306 -30.91 33.85 -8.69
CA LYS A 306 -31.96 33.81 -7.65
C LYS A 306 -33.30 34.36 -8.15
N SER B 16 31.14 -37.67 11.50
CA SER B 16 31.30 -37.77 10.03
C SER B 16 30.59 -36.62 9.30
N VAL B 17 30.96 -36.39 8.03
CA VAL B 17 30.32 -35.34 7.23
C VAL B 17 29.03 -35.86 6.59
N GLU B 18 27.91 -35.18 6.85
CA GLU B 18 26.63 -35.53 6.20
C GLU B 18 26.60 -34.87 4.82
N THR B 19 26.74 -33.54 4.79
CA THR B 19 26.76 -32.78 3.54
CA THR B 19 26.76 -32.77 3.53
C THR B 19 27.78 -31.64 3.63
N ASN B 20 28.48 -31.37 2.52
CA ASN B 20 29.45 -30.26 2.48
C ASN B 20 28.73 -28.92 2.18
N TYR B 21 27.47 -28.77 2.61
CA TYR B 21 26.62 -27.57 2.40
C TYR B 21 25.64 -27.45 3.55
N LEU B 22 24.96 -26.32 3.65
CA LEU B 22 23.85 -26.13 4.62
C LEU B 22 22.62 -26.18 3.70
N PRO B 23 21.87 -27.31 3.72
CA PRO B 23 20.86 -27.60 2.70
C PRO B 23 19.51 -26.87 2.81
N ILE B 24 19.54 -25.56 3.05
CA ILE B 24 18.31 -24.75 3.16
C ILE B 24 18.36 -23.51 2.25
N ALA B 25 17.18 -23.05 1.88
CA ALA B 25 16.98 -21.79 1.16
C ALA B 25 16.33 -20.85 2.17
N ASP B 26 16.17 -19.57 1.82
CA ASP B 26 15.54 -18.53 2.69
C ASP B 26 15.99 -18.60 4.14
N PRO B 27 17.31 -18.67 4.36
CA PRO B 27 17.78 -18.90 5.73
C PRO B 27 17.60 -17.77 6.73
N TYR B 28 17.50 -18.14 8.00
CA TYR B 28 17.48 -17.20 9.10
C TYR B 28 18.27 -17.81 10.26
N VAL B 29 19.06 -16.99 10.97
CA VAL B 29 19.82 -17.44 12.12
C VAL B 29 19.38 -16.66 13.36
N MSE B 30 19.11 -17.41 14.43
CA MSE B 30 18.87 -16.90 15.75
C MSE B 30 20.17 -17.16 16.54
O MSE B 30 20.67 -18.31 16.52
CB MSE B 30 17.70 -17.61 16.45
CG MSE B 30 17.65 -17.28 17.94
SE MSE B 30 16.04 -17.70 18.84
CE MSE B 30 16.01 -19.62 18.71
N PHE B 31 20.68 -16.12 17.21
CA PHE B 31 21.84 -16.20 18.11
C PHE B 31 21.22 -16.25 19.53
N TYR B 32 21.38 -17.40 20.19
CA TYR B 32 20.78 -17.69 21.51
C TYR B 32 21.56 -18.78 22.25
N ASN B 33 21.67 -18.63 23.58
CA ASN B 33 22.39 -19.60 24.44
C ASN B 33 23.86 -19.70 24.02
N ASN B 34 24.43 -18.57 23.58
CA ASN B 34 25.80 -18.53 23.02
C ASN B 34 26.07 -19.48 21.81
N LYS B 35 25.00 -19.92 21.14
CA LYS B 35 25.03 -20.82 20.00
C LYS B 35 24.18 -20.21 18.89
N TYR B 36 24.39 -20.67 17.66
CA TYR B 36 23.62 -20.20 16.49
C TYR B 36 22.65 -21.28 16.09
N TYR B 37 21.42 -20.87 15.81
CA TYR B 37 20.36 -21.76 15.36
C TYR B 37 19.94 -21.28 13.99
N ALA B 38 19.96 -22.19 13.00
CA ALA B 38 19.53 -21.88 11.63
C ALA B 38 18.26 -22.65 11.25
N TYR B 39 17.41 -21.99 10.46
CA TYR B 39 16.17 -22.55 9.90
C TYR B 39 16.00 -21.94 8.50
N GLY B 40 15.36 -22.68 7.63
CA GLY B 40 15.09 -22.20 6.27
C GLY B 40 14.10 -23.09 5.54
N THR B 41 13.99 -22.86 4.23
CA THR B 41 13.13 -23.62 3.35
C THR B 41 13.86 -24.88 2.92
N GLY B 42 13.17 -26.01 3.06
CA GLY B 42 13.71 -27.29 2.63
C GLY B 42 14.70 -27.91 3.60
N GLY B 43 15.40 -28.95 3.16
CA GLY B 43 16.38 -29.67 3.97
C GLY B 43 15.80 -30.45 5.13
N THR B 44 14.50 -30.76 5.10
CA THR B 44 13.85 -31.49 6.21
C THR B 44 14.08 -32.95 6.01
N THR B 45 14.05 -33.68 7.12
CA THR B 45 14.18 -35.12 7.09
C THR B 45 13.03 -35.88 7.74
N ALA B 46 12.08 -35.18 8.36
CA ALA B 46 10.89 -35.80 8.99
C ALA B 46 9.61 -35.18 8.40
N GLY B 47 9.48 -35.24 7.08
CA GLY B 47 8.32 -34.72 6.36
C GLY B 47 8.34 -33.21 6.18
N GLU B 48 7.24 -32.70 5.65
CA GLU B 48 7.12 -31.26 5.36
C GLU B 48 7.13 -30.43 6.62
N GLY B 49 7.70 -29.22 6.50
CA GLY B 49 7.80 -28.26 7.62
C GLY B 49 9.16 -27.61 7.65
N PHE B 50 9.76 -27.51 8.86
CA PHE B 50 11.09 -26.90 9.00
C PHE B 50 12.01 -27.69 9.91
N ALA B 51 13.25 -27.82 9.48
CA ALA B 51 14.34 -28.42 10.28
C ALA B 51 14.97 -27.31 11.13
N CYS B 52 15.72 -27.72 12.14
CA CYS B 52 16.56 -26.81 12.96
C CYS B 52 17.99 -27.34 12.89
N PHE B 53 18.94 -26.47 12.52
CA PHE B 53 20.38 -26.77 12.53
C PHE B 53 21.00 -25.89 13.60
N SER B 54 22.09 -26.35 14.20
CA SER B 54 22.80 -25.53 15.18
C SER B 54 24.29 -25.61 14.94
N SER B 55 24.99 -24.63 15.50
CA SER B 55 26.42 -24.50 15.35
C SER B 55 26.98 -23.58 16.42
N ASP B 56 28.22 -23.85 16.81
CA ASP B 56 28.96 -23.02 17.75
C ASP B 56 30.00 -22.14 17.02
N ASP B 57 30.22 -22.35 15.71
CA ASP B 57 31.24 -21.59 14.96
C ASP B 57 30.89 -21.06 13.54
N LEU B 58 29.64 -21.25 13.10
CA LEU B 58 29.14 -20.89 11.77
C LEU B 58 29.63 -21.74 10.58
N LYS B 59 30.69 -22.54 10.74
CA LYS B 59 31.24 -23.41 9.67
C LYS B 59 30.67 -24.82 9.74
N ASN B 60 30.61 -25.36 10.97
CA ASN B 60 30.17 -26.72 11.21
C ASN B 60 28.82 -26.71 11.91
N TRP B 61 27.80 -27.28 11.24
CA TRP B 61 26.44 -27.33 11.74
C TRP B 61 26.06 -28.77 12.03
N LYS B 62 25.03 -28.96 12.85
CA LYS B 62 24.49 -30.32 13.10
C LYS B 62 22.99 -30.21 13.15
N ARG B 63 22.29 -31.29 12.80
CA ARG B 63 20.83 -31.29 12.85
C ARG B 63 20.30 -31.37 14.29
N GLU B 64 19.28 -30.57 14.57
CA GLU B 64 18.56 -30.54 15.86
C GLU B 64 17.09 -30.94 15.59
N GLY B 65 16.88 -31.88 14.69
CA GLY B 65 15.55 -32.40 14.42
C GLY B 65 14.63 -31.52 13.61
N GLN B 66 13.38 -31.96 13.54
CA GLN B 66 12.29 -31.26 12.84
C GLN B 66 11.72 -30.17 13.77
N ALA B 67 12.03 -28.91 13.50
CA ALA B 67 11.49 -27.82 14.31
C ALA B 67 9.96 -27.74 14.20
N LEU B 68 9.43 -27.87 12.97
CA LEU B 68 7.98 -27.84 12.74
CA LEU B 68 7.98 -27.82 12.71
C LEU B 68 7.58 -29.01 11.83
N SER B 69 6.56 -29.77 12.25
CA SER B 69 6.00 -30.87 11.45
C SER B 69 4.67 -30.34 10.92
N ALA B 70 4.42 -30.53 9.63
CA ALA B 70 3.18 -30.12 8.94
C ALA B 70 1.92 -30.44 9.76
N THR B 71 1.85 -31.63 10.38
CA THR B 71 0.68 -31.99 11.21
C THR B 71 0.36 -31.07 12.40
N ASP B 72 1.37 -30.38 12.92
CA ASP B 72 1.20 -29.38 13.98
C ASP B 72 0.93 -27.96 13.43
N SER B 73 0.58 -27.83 12.14
CA SER B 73 0.40 -26.53 11.50
CA SER B 73 0.37 -26.53 11.54
C SER B 73 -0.69 -26.52 10.46
N TYR B 74 -1.05 -25.31 10.06
CA TYR B 74 -1.93 -25.06 8.94
C TYR B 74 -1.16 -25.52 7.70
N GLY B 75 -1.88 -26.12 6.78
CA GLY B 75 -1.30 -26.57 5.52
C GLY B 75 -0.46 -27.83 5.46
N THR B 76 -0.36 -28.31 4.22
CA THR B 76 0.34 -29.53 3.86
C THR B 76 1.45 -29.34 2.83
N TRP B 77 1.59 -28.13 2.29
CA TRP B 77 2.63 -27.85 1.30
C TRP B 77 3.12 -26.43 1.42
N GLY B 78 4.21 -26.18 0.70
CA GLY B 78 4.82 -24.86 0.64
C GLY B 78 5.30 -24.28 1.95
N PHE B 79 5.98 -25.07 2.76
CA PHE B 79 6.53 -24.56 4.02
C PHE B 79 7.77 -23.75 3.65
N TRP B 80 7.66 -22.43 3.68
CA TRP B 80 8.76 -21.54 3.26
C TRP B 80 9.13 -20.49 4.30
N ALA B 81 10.41 -20.11 4.24
CA ALA B 81 10.91 -18.87 4.84
C ALA B 81 10.63 -18.67 6.35
N PRO B 82 11.11 -19.63 7.17
CA PRO B 82 10.97 -19.49 8.63
C PRO B 82 11.85 -18.43 9.26
N GLU B 83 11.32 -17.80 10.30
CA GLU B 83 12.12 -16.96 11.17
C GLU B 83 11.72 -17.30 12.60
N VAL B 84 12.72 -17.43 13.47
CA VAL B 84 12.52 -17.83 14.86
C VAL B 84 13.07 -16.75 15.78
N TYR B 85 12.31 -16.37 16.79
CA TYR B 85 12.68 -15.33 17.73
C TYR B 85 12.32 -15.71 19.17
N TYR B 86 13.16 -15.33 20.11
CA TYR B 86 12.83 -15.46 21.53
C TYR B 86 12.28 -14.08 21.89
N VAL B 87 11.03 -14.03 22.35
CA VAL B 87 10.39 -12.79 22.78
C VAL B 87 10.44 -12.88 24.30
N GLU B 88 11.29 -12.05 24.93
CA GLU B 88 11.50 -12.11 26.38
CA GLU B 88 11.53 -12.09 26.39
C GLU B 88 10.20 -11.90 27.17
N SER B 89 9.41 -10.91 26.76
CA SER B 89 8.09 -10.62 27.37
C SER B 89 7.21 -11.86 27.49
N LYS B 90 7.19 -12.67 26.44
CA LYS B 90 6.36 -13.88 26.37
C LYS B 90 7.00 -15.16 26.96
N LYS B 91 8.31 -15.16 27.21
CA LYS B 91 9.07 -16.34 27.74
C LYS B 91 8.88 -17.56 26.85
N LYS B 92 8.96 -17.33 25.53
CA LYS B 92 8.63 -18.35 24.55
C LYS B 92 9.30 -18.04 23.20
N PHE B 93 9.45 -19.06 22.36
CA PHE B 93 9.97 -18.91 21.02
C PHE B 93 8.79 -18.86 20.07
N TYR B 94 8.89 -17.96 19.09
CA TYR B 94 7.90 -17.77 18.03
C TYR B 94 8.54 -18.03 16.71
N LEU B 95 7.92 -18.93 15.95
CA LEU B 95 8.30 -19.24 14.60
C LEU B 95 7.26 -18.59 13.69
N PHE B 96 7.72 -17.69 12.82
CA PHE B 96 6.88 -17.03 11.83
C PHE B 96 7.28 -17.64 10.50
N TYR B 97 6.29 -18.00 9.70
CA TYR B 97 6.50 -18.74 8.47
C TYR B 97 5.35 -18.64 7.48
N SER B 98 5.55 -19.28 6.33
CA SER B 98 4.53 -19.37 5.28
CA SER B 98 4.60 -19.38 5.23
C SER B 98 4.26 -20.85 4.99
N ALA B 99 2.99 -21.16 4.76
CA ALA B 99 2.50 -22.53 4.43
C ALA B 99 1.34 -22.31 3.48
N GLU B 100 1.29 -23.02 2.35
CA GLU B 100 0.23 -22.86 1.35
C GLU B 100 -0.01 -21.38 0.94
N GLU B 101 1.10 -20.65 0.81
CA GLU B 101 1.06 -19.21 0.47
C GLU B 101 0.20 -18.40 1.45
N HIS B 102 0.25 -18.77 2.72
CA HIS B 102 -0.42 -18.04 3.82
C HIS B 102 0.56 -17.85 4.97
N ILE B 103 0.56 -16.67 5.58
CA ILE B 103 1.46 -16.39 6.70
C ILE B 103 0.91 -16.98 8.01
N CYS B 104 1.80 -17.57 8.80
CA CYS B 104 1.47 -18.31 10.02
C CYS B 104 2.47 -18.05 11.13
N VAL B 105 2.04 -18.31 12.37
CA VAL B 105 2.95 -18.27 13.51
C VAL B 105 2.68 -19.53 14.35
N ALA B 106 3.77 -20.10 14.87
CA ALA B 106 3.74 -21.22 15.80
C ALA B 106 4.67 -20.91 16.97
N THR B 107 4.53 -21.66 18.08
CA THR B 107 5.40 -21.44 19.24
C THR B 107 6.03 -22.70 19.78
N SER B 108 7.11 -22.48 20.54
CA SER B 108 7.88 -23.55 21.21
C SER B 108 8.55 -23.05 22.50
N THR B 109 8.80 -23.98 23.44
CA THR B 109 9.50 -23.69 24.68
CA THR B 109 9.51 -23.65 24.68
C THR B 109 11.02 -23.79 24.53
N THR B 110 11.48 -24.37 23.42
CA THR B 110 12.88 -24.54 23.10
C THR B 110 13.19 -23.97 21.70
N PRO B 111 14.46 -23.59 21.44
CA PRO B 111 14.86 -23.22 20.07
C PRO B 111 14.69 -24.33 19.03
N GLU B 112 14.92 -25.59 19.41
CA GLU B 112 14.83 -26.71 18.48
C GLU B 112 13.42 -27.15 18.15
N GLY B 113 12.47 -26.83 19.02
CA GLY B 113 11.09 -27.23 18.86
C GLY B 113 10.77 -28.45 19.75
N PRO B 114 9.61 -29.11 19.51
CA PRO B 114 8.67 -28.79 18.43
C PRO B 114 7.92 -27.45 18.53
N PHE B 115 7.85 -26.74 17.39
CA PHE B 115 7.00 -25.56 17.26
C PHE B 115 5.63 -26.01 16.76
N ARG B 116 4.57 -25.49 17.38
CA ARG B 116 3.20 -25.85 17.06
C ARG B 116 2.22 -24.69 17.16
N GLN B 117 1.12 -24.87 16.44
CA GLN B 117 -0.06 -24.04 16.49
C GLN B 117 -1.12 -24.81 17.29
N GLU B 118 -1.83 -24.12 18.18
CA GLU B 118 -2.96 -24.74 18.95
C GLU B 118 -4.16 -24.92 18.03
N VAL B 119 -4.45 -23.86 17.26
CA VAL B 119 -5.47 -23.86 16.22
C VAL B 119 -4.69 -23.69 14.93
N LYS B 120 -4.90 -24.61 13.99
CA LYS B 120 -4.10 -24.67 12.74
C LYS B 120 -4.63 -23.72 11.66
N GLN B 121 -4.45 -22.42 11.90
CA GLN B 121 -4.89 -21.39 10.95
CA GLN B 121 -4.91 -21.38 10.96
C GLN B 121 -3.84 -20.31 10.73
N PRO B 122 -3.93 -19.59 9.58
CA PRO B 122 -2.94 -18.53 9.35
C PRO B 122 -3.24 -17.27 10.16
N ILE B 123 -2.34 -16.31 10.07
CA ILE B 123 -2.47 -15.02 10.77
C ILE B 123 -3.64 -14.21 10.19
N TRP B 124 -3.74 -14.19 8.87
CA TRP B 124 -4.87 -13.53 8.20
C TRP B 124 -5.26 -14.33 6.98
N SER B 125 -6.39 -13.92 6.37
CA SER B 125 -6.97 -14.69 5.26
CA SER B 125 -6.99 -14.66 5.25
C SER B 125 -6.33 -14.53 3.88
N GLU B 126 -5.72 -13.37 3.58
CA GLU B 126 -5.12 -13.13 2.24
C GLU B 126 -3.80 -13.87 2.04
N LYS B 127 -3.60 -14.37 0.81
CA LYS B 127 -2.35 -15.01 0.45
C LYS B 127 -1.18 -14.06 0.71
N SER B 128 -0.17 -14.57 1.40
CA SER B 128 1.01 -13.82 1.72
C SER B 128 2.13 -14.76 2.13
N ILE B 129 3.38 -14.27 2.05
CA ILE B 129 4.57 -15.05 2.38
C ILE B 129 5.71 -14.18 3.00
N ASP B 130 6.81 -14.84 3.38
CA ASP B 130 8.07 -14.20 3.82
C ASP B 130 8.01 -13.30 5.07
N THR B 131 7.24 -13.74 6.04
CA THR B 131 7.15 -13.08 7.32
C THR B 131 8.48 -12.67 7.94
N SER B 132 8.54 -11.44 8.45
CA SER B 132 9.66 -11.05 9.29
C SER B 132 9.14 -10.08 10.33
N LEU B 133 9.33 -10.46 11.59
CA LEU B 133 8.95 -9.67 12.78
C LEU B 133 10.03 -8.68 13.20
N PHE B 134 9.58 -7.48 13.55
CA PHE B 134 10.40 -6.43 14.16
C PHE B 134 9.64 -5.90 15.38
N ILE B 135 10.30 -5.90 16.54
CA ILE B 135 9.74 -5.34 17.76
C ILE B 135 10.59 -4.08 17.99
N ASP B 136 9.92 -2.93 17.98
CA ASP B 136 10.56 -1.64 18.12
C ASP B 136 10.92 -1.43 19.59
N ASP B 137 11.71 -0.37 19.85
CA ASP B 137 12.22 0.01 21.20
C ASP B 137 11.10 0.20 22.25
N ASP B 138 9.93 0.67 21.78
CA ASP B 138 8.71 0.87 22.58
CA ASP B 138 8.74 0.86 22.62
C ASP B 138 7.94 -0.45 22.81
N GLY B 139 8.48 -1.57 22.29
CA GLY B 139 7.85 -2.89 22.35
C GLY B 139 6.76 -3.09 21.29
N THR B 140 6.58 -2.15 20.36
CA THR B 140 5.50 -2.26 19.36
C THR B 140 5.92 -3.26 18.29
N PRO B 141 5.08 -4.29 18.02
CA PRO B 141 5.47 -5.27 17.02
C PRO B 141 4.96 -4.92 15.62
N TYR B 142 5.82 -5.12 14.63
CA TYR B 142 5.51 -4.92 13.23
C TYR B 142 5.90 -6.20 12.49
N LEU B 143 5.06 -6.64 11.57
CA LEU B 143 5.34 -7.79 10.74
C LEU B 143 5.42 -7.32 9.31
N TYR B 144 6.54 -7.66 8.66
CA TYR B 144 6.80 -7.37 7.25
C TYR B 144 6.53 -8.66 6.52
N PHE B 145 5.90 -8.55 5.36
CA PHE B 145 5.51 -9.73 4.57
C PHE B 145 5.16 -9.32 3.15
N VAL B 146 5.05 -10.32 2.29
CA VAL B 146 4.71 -10.08 0.89
C VAL B 146 3.24 -10.29 0.63
N ARG B 147 2.62 -9.33 -0.08
CA ARG B 147 1.30 -9.52 -0.68
C ARG B 147 1.54 -9.50 -2.18
N PHE B 148 0.58 -10.04 -2.92
CA PHE B 148 0.68 -10.18 -4.37
C PHE B 148 -0.15 -9.09 -5.03
N THR B 149 0.13 -7.84 -4.66
CA THR B 149 -0.64 -6.67 -5.10
C THR B 149 -0.19 -6.00 -6.41
N ASP B 150 1.05 -6.26 -6.82
CA ASP B 150 1.63 -5.67 -8.04
C ASP B 150 2.90 -6.49 -8.22
N GLY B 151 2.68 -7.76 -8.56
CA GLY B 151 3.73 -8.79 -8.47
C GLY B 151 3.98 -8.92 -6.95
N ASN B 152 5.12 -9.51 -6.51
CA ASN B 152 5.42 -9.57 -5.07
C ASN B 152 5.85 -8.21 -4.56
N VAL B 153 5.14 -7.72 -3.55
CA VAL B 153 5.34 -6.40 -2.95
C VAL B 153 5.51 -6.55 -1.44
N ILE B 154 6.49 -5.87 -0.84
CA ILE B 154 6.67 -5.95 0.63
C ILE B 154 5.71 -4.97 1.31
N TRP B 155 4.87 -5.50 2.19
CA TRP B 155 3.92 -4.73 3.01
C TRP B 155 4.29 -4.88 4.49
N VAL B 156 3.74 -4.01 5.32
CA VAL B 156 3.92 -4.09 6.78
C VAL B 156 2.60 -3.76 7.45
N ALA B 157 2.38 -4.39 8.61
CA ALA B 157 1.27 -4.07 9.51
C ALA B 157 1.75 -4.22 10.96
N GLN B 158 1.09 -3.49 11.86
CA GLN B 158 1.35 -3.64 13.31
C GLN B 158 0.67 -4.94 13.76
N MSE B 159 1.31 -5.69 14.66
CA MSE B 159 0.67 -6.90 15.18
C MSE B 159 0.01 -6.54 16.51
O MSE B 159 0.35 -5.55 17.16
CB MSE B 159 1.64 -8.05 15.40
CG MSE B 159 2.38 -8.51 14.15
SE MSE B 159 3.12 -10.29 14.45
CE MSE B 159 1.47 -11.25 14.26
N THR B 160 -0.97 -7.36 16.88
CA THR B 160 -1.55 -7.29 18.21
C THR B 160 -0.44 -7.75 19.19
N ASP B 161 -0.56 -7.42 20.47
CA ASP B 161 0.50 -7.73 21.46
C ASP B 161 0.79 -9.22 21.66
N ASP B 162 -0.21 -10.08 21.41
CA ASP B 162 0.00 -11.55 21.46
C ASP B 162 0.82 -12.11 20.28
N LEU B 163 1.07 -11.27 19.26
CA LEU B 163 1.82 -11.64 18.03
C LEU B 163 1.12 -12.74 17.22
N MSE B 164 -0.22 -12.80 17.33
CA MSE B 164 -1.05 -13.83 16.71
CA MSE B 164 -1.08 -13.82 16.71
C MSE B 164 -1.82 -13.29 15.49
O MSE B 164 -2.31 -14.06 14.68
CB MSE B 164 -2.03 -14.34 17.79
CB MSE B 164 -2.17 -14.31 17.67
CG MSE B 164 -2.40 -15.81 17.75
CG MSE B 164 -1.76 -14.90 19.03
SE MSE B 164 -0.84 -17.01 17.83
SE MSE B 164 -1.30 -16.74 19.14
CE MSE B 164 0.37 -15.87 18.79
CE MSE B 164 0.39 -16.65 18.22
N SER B 165 -1.96 -11.96 15.40
CA SER B 165 -2.66 -11.33 14.27
C SER B 165 -2.10 -9.96 13.97
N ILE B 166 -2.47 -9.46 12.79
CA ILE B 166 -2.10 -8.10 12.35
C ILE B 166 -3.34 -7.21 12.44
N LYS B 167 -3.09 -5.92 12.65
CA LYS B 167 -4.14 -4.89 12.71
C LYS B 167 -4.13 -4.37 11.28
N THR B 168 -5.11 -4.81 10.49
CA THR B 168 -5.17 -4.48 9.07
C THR B 168 -5.36 -2.97 8.77
N GLU B 169 -5.94 -2.21 9.71
CA GLU B 169 -6.05 -0.75 9.53
C GLU B 169 -4.68 -0.03 9.49
N THR B 170 -3.62 -0.73 9.88
CA THR B 170 -2.24 -0.22 9.87
C THR B 170 -1.44 -0.68 8.63
N LEU B 171 -2.10 -1.33 7.68
CA LEU B 171 -1.38 -1.80 6.49
C LEU B 171 -0.72 -0.66 5.72
N ASN B 172 0.54 -0.89 5.39
CA ASN B 172 1.39 0.06 4.65
C ASN B 172 2.21 -0.70 3.65
N GLN B 173 2.39 -0.10 2.47
CA GLN B 173 3.16 -0.68 1.39
C GLN B 173 4.59 -0.17 1.50
N CYS B 174 5.54 -1.09 1.48
CA CYS B 174 6.95 -0.76 1.64
C CYS B 174 7.81 -0.75 0.37
N ILE B 175 7.94 -1.91 -0.28
CA ILE B 175 8.86 -2.09 -1.43
C ILE B 175 8.22 -2.85 -2.58
N LYS B 176 8.35 -2.29 -3.79
CA LYS B 176 7.89 -2.87 -5.05
C LYS B 176 9.13 -3.01 -5.95
N ALA B 177 9.16 -3.95 -6.90
CA ALA B 177 10.30 -4.08 -7.88
C ALA B 177 10.12 -2.94 -8.91
N GLU B 178 11.09 -2.01 -8.99
CA GLU B 178 10.99 -0.77 -9.83
CA GLU B 178 10.97 -0.81 -9.87
C GLU B 178 12.19 -0.39 -10.71
N VAL B 179 13.42 -0.60 -10.20
CA VAL B 179 14.69 -0.22 -10.85
CA VAL B 179 14.66 -0.21 -10.91
C VAL B 179 15.28 -1.42 -11.61
N SER B 180 16.16 -1.17 -12.58
CA SER B 180 16.72 -2.20 -13.45
C SER B 180 17.16 -3.52 -12.79
N TRP B 181 17.99 -3.43 -11.76
CA TRP B 181 18.53 -4.63 -11.10
C TRP B 181 17.42 -5.50 -10.47
N GLU B 182 16.34 -4.86 -10.03
CA GLU B 182 15.15 -5.51 -9.45
C GLU B 182 14.19 -6.12 -10.50
N LEU B 183 14.42 -5.86 -11.80
CA LEU B 183 13.55 -6.26 -12.89
C LEU B 183 14.22 -7.10 -13.98
N LEU B 184 15.09 -8.01 -13.54
CA LEU B 184 15.70 -8.98 -14.43
C LEU B 184 14.72 -10.13 -14.76
N GLN B 185 13.85 -10.50 -13.82
CA GLN B 185 12.90 -11.59 -14.06
C GLN B 185 11.72 -11.42 -13.13
N GLY B 186 10.52 -11.34 -13.71
CA GLY B 186 9.32 -11.09 -12.96
C GLY B 186 9.31 -9.69 -12.33
N LYS B 187 8.36 -9.50 -11.42
CA LYS B 187 8.22 -8.25 -10.65
C LYS B 187 8.12 -8.70 -9.18
N VAL B 188 9.28 -8.82 -8.55
CA VAL B 188 9.41 -9.44 -7.23
C VAL B 188 10.27 -8.64 -6.26
N ALA B 189 9.66 -8.28 -5.13
CA ALA B 189 10.33 -7.73 -3.93
C ALA B 189 9.88 -8.66 -2.81
N GLU B 190 10.82 -9.30 -2.11
CA GLU B 190 10.47 -10.28 -1.05
C GLU B 190 11.56 -10.43 0.00
N GLY B 191 11.46 -11.45 0.87
CA GLY B 191 12.44 -11.68 1.93
C GLY B 191 12.84 -10.47 2.76
N PRO B 192 11.86 -9.73 3.34
CA PRO B 192 12.24 -8.62 4.19
C PRO B 192 12.96 -9.03 5.49
N SER B 193 13.90 -8.17 5.91
CA SER B 193 14.54 -8.20 7.24
C SER B 193 14.55 -6.74 7.72
N LEU B 194 14.32 -6.53 9.02
CA LEU B 194 14.27 -5.17 9.59
C LEU B 194 15.31 -5.00 10.71
N LEU B 195 16.17 -3.98 10.56
CA LEU B 195 17.13 -3.59 11.61
C LEU B 195 16.96 -2.10 11.86
N LYS B 196 17.01 -1.74 13.15
CA LYS B 196 16.95 -0.33 13.58
CA LYS B 196 16.94 -0.32 13.58
C LYS B 196 18.31 0.05 14.15
N LYS B 197 18.82 1.23 13.78
CA LYS B 197 20.12 1.75 14.26
C LYS B 197 20.15 3.28 14.19
N ASN B 198 20.54 3.91 15.30
CA ASN B 198 20.64 5.36 15.41
C ASN B 198 19.40 6.12 14.88
N GLY B 199 18.22 5.57 15.19
CA GLY B 199 16.92 6.17 14.78
C GLY B 199 16.44 5.94 13.34
N VAL B 200 17.18 5.16 12.56
CA VAL B 200 16.87 4.85 11.17
C VAL B 200 16.46 3.39 11.10
N TYR B 201 15.44 3.13 10.30
CA TYR B 201 14.93 1.79 10.06
C TYR B 201 15.47 1.30 8.71
N TYR B 202 16.06 0.11 8.70
CA TYR B 202 16.65 -0.52 7.51
C TYR B 202 15.82 -1.72 7.08
N LEU B 203 15.19 -1.63 5.90
CA LEU B 203 14.45 -2.73 5.32
C LEU B 203 15.37 -3.36 4.29
N ILE B 204 15.90 -4.54 4.60
CA ILE B 204 16.80 -5.25 3.69
C ILE B 204 15.93 -6.28 3.01
N TYR B 205 15.95 -6.29 1.68
CA TYR B 205 15.06 -7.16 0.89
C TYR B 205 15.73 -7.82 -0.28
N SER B 206 15.06 -8.80 -0.86
CA SER B 206 15.50 -9.45 -2.10
C SER B 206 14.57 -9.09 -3.25
N ALA B 207 15.11 -9.15 -4.48
CA ALA B 207 14.37 -8.85 -5.72
C ALA B 207 14.75 -9.83 -6.84
N ASN B 208 13.80 -9.96 -7.79
CA ASN B 208 13.78 -10.87 -8.92
C ASN B 208 13.22 -12.22 -8.47
N HIS B 209 12.69 -12.97 -9.44
CA HIS B 209 12.30 -14.33 -9.18
C HIS B 209 13.57 -15.10 -8.76
N TYR B 210 13.45 -15.90 -7.71
CA TYR B 210 14.60 -16.64 -7.14
C TYR B 210 15.35 -17.54 -8.11
N GLU B 211 14.66 -17.97 -9.16
CA GLU B 211 15.33 -18.81 -10.17
C GLU B 211 16.28 -18.02 -11.07
N ASN B 212 16.20 -16.70 -11.08
CA ASN B 212 17.14 -15.93 -11.90
C ASN B 212 18.52 -15.96 -11.23
N LYS B 213 19.57 -16.05 -12.04
CA LYS B 213 20.93 -15.99 -11.49
C LYS B 213 21.23 -14.64 -10.80
N GLY B 214 20.48 -13.59 -11.19
CA GLY B 214 20.55 -12.24 -10.63
C GLY B 214 19.62 -11.93 -9.48
N TYR B 215 19.09 -12.95 -8.79
CA TYR B 215 18.38 -12.71 -7.51
C TYR B 215 19.38 -11.87 -6.67
N GLY B 216 18.87 -10.93 -5.92
CA GLY B 216 19.78 -10.10 -5.18
C GLY B 216 19.16 -9.38 -4.04
N VAL B 217 20.03 -8.79 -3.24
CA VAL B 217 19.66 -8.14 -1.99
C VAL B 217 20.02 -6.67 -2.01
N GLY B 218 19.08 -5.85 -1.57
CA GLY B 218 19.24 -4.39 -1.52
C GLY B 218 18.55 -3.90 -0.26
N TYR B 219 18.61 -2.60 0.00
CA TYR B 219 17.88 -2.05 1.12
C TYR B 219 17.32 -0.66 0.91
N ALA B 220 16.40 -0.32 1.79
CA ALA B 220 15.76 0.98 1.85
C ALA B 220 15.78 1.48 3.28
N THR B 221 15.55 2.78 3.43
CA THR B 221 15.51 3.37 4.77
C THR B 221 14.27 4.25 4.99
N SER B 222 13.92 4.38 6.26
CA SER B 222 12.86 5.27 6.71
C SER B 222 13.14 5.74 8.15
N ASP B 223 12.45 6.82 8.52
CA ASP B 223 12.49 7.33 9.90
C ASP B 223 11.38 6.73 10.75
N THR B 224 10.52 5.88 10.16
CA THR B 224 9.46 5.17 10.88
C THR B 224 9.49 3.69 10.45
N PRO B 225 9.03 2.78 11.32
CA PRO B 225 8.97 1.35 10.94
C PRO B 225 8.04 1.04 9.73
N MSE B 226 7.13 1.95 9.38
CA MSE B 226 6.19 1.72 8.28
C MSE B 226 6.30 2.69 7.10
O MSE B 226 5.37 2.76 6.27
CB MSE B 226 4.76 1.70 8.83
CG MSE B 226 4.61 0.65 9.93
SE MSE B 226 2.79 0.08 10.16
CE MSE B 226 1.95 1.70 10.80
N GLY B 227 7.42 3.38 6.99
CA GLY B 227 7.69 4.25 5.87
C GLY B 227 7.42 5.73 6.09
N PRO B 228 7.63 6.57 5.04
CA PRO B 228 8.00 6.15 3.67
C PRO B 228 9.44 5.69 3.49
N TRP B 229 9.64 4.88 2.45
CA TRP B 229 10.93 4.27 2.20
C TRP B 229 11.64 4.91 1.03
N VAL B 230 12.97 4.94 1.18
CA VAL B 230 13.86 5.44 0.14
CA VAL B 230 13.90 5.48 0.18
C VAL B 230 14.97 4.40 -0.09
N LYS B 231 15.01 3.88 -1.31
CA LYS B 231 15.98 2.85 -1.66
C LYS B 231 17.39 3.38 -1.69
N TYR B 232 18.34 2.55 -1.23
CA TYR B 232 19.75 2.90 -1.30
C TYR B 232 20.13 3.06 -2.78
N SER B 233 20.82 4.16 -3.06
CA SER B 233 21.23 4.52 -4.43
CA SER B 233 21.21 4.52 -4.44
C SER B 233 22.08 3.49 -5.16
N LYS B 234 22.92 2.77 -4.40
CA LYS B 234 23.84 1.77 -4.99
C LYS B 234 23.42 0.31 -4.74
N ASN B 235 22.11 0.09 -4.55
CA ASN B 235 21.61 -1.29 -4.57
C ASN B 235 21.92 -1.92 -5.94
N PRO B 236 22.16 -3.24 -5.99
CA PRO B 236 22.13 -4.20 -4.89
C PRO B 236 23.43 -4.33 -4.10
N LEU B 237 23.28 -4.78 -2.85
CA LEU B 237 24.40 -5.09 -1.96
C LEU B 237 25.07 -6.39 -2.36
N LEU B 238 24.25 -7.36 -2.77
CA LEU B 238 24.68 -8.73 -3.07
C LEU B 238 23.90 -9.23 -4.26
N GLN B 239 24.61 -9.59 -5.32
CA GLN B 239 24.05 -10.18 -6.53
C GLN B 239 25.16 -11.03 -7.16
N GLY B 240 25.35 -12.20 -6.55
CA GLY B 240 26.41 -13.14 -6.87
C GLY B 240 27.58 -12.86 -5.95
N ASP B 241 28.51 -13.81 -5.90
CA ASP B 241 29.75 -13.63 -5.18
C ASP B 241 30.82 -13.99 -6.19
N ALA B 242 31.70 -13.02 -6.46
CA ALA B 242 32.73 -13.15 -7.48
C ALA B 242 33.78 -14.20 -7.15
N ALA B 243 34.24 -14.25 -5.89
CA ALA B 243 35.29 -15.20 -5.49
C ALA B 243 34.89 -16.69 -5.55
N THR B 244 33.63 -17.01 -5.28
CA THR B 244 33.11 -18.39 -5.33
C THR B 244 32.35 -18.79 -6.61
N GLY B 245 31.85 -17.80 -7.35
CA GLY B 245 30.97 -18.02 -8.49
C GLY B 245 29.52 -18.32 -8.07
N LEU B 246 29.15 -18.03 -6.80
CA LEU B 246 27.77 -18.29 -6.35
C LEU B 246 26.81 -17.33 -7.06
N VAL B 247 25.67 -17.86 -7.47
CA VAL B 247 24.64 -17.14 -8.21
C VAL B 247 23.29 -17.36 -7.54
N GLY B 248 22.30 -16.57 -7.95
CA GLY B 248 20.95 -16.62 -7.35
C GLY B 248 20.98 -16.31 -5.87
N THR B 249 21.83 -15.37 -5.47
CA THR B 249 22.11 -15.05 -4.07
C THR B 249 21.09 -14.14 -3.44
N GLY B 250 20.33 -14.67 -2.47
CA GLY B 250 19.32 -13.85 -1.84
C GLY B 250 18.54 -14.52 -0.74
N HIS B 251 17.46 -13.85 -0.36
CA HIS B 251 16.59 -14.17 0.78
C HIS B 251 17.43 -14.54 1.99
N GLY B 252 18.03 -13.54 2.61
CA GLY B 252 18.84 -13.77 3.77
C GLY B 252 18.34 -13.08 5.00
N ALA B 253 19.24 -12.97 5.96
CA ALA B 253 18.94 -12.32 7.24
C ALA B 253 20.23 -11.94 7.93
N PRO B 254 20.29 -10.72 8.48
CA PRO B 254 21.44 -10.29 9.26
C PRO B 254 21.38 -10.91 10.66
N PHE B 255 22.53 -11.20 11.29
CA PHE B 255 22.57 -11.68 12.68
C PHE B 255 23.85 -11.26 13.37
N GLN B 256 23.74 -10.97 14.67
CA GLN B 256 24.88 -10.54 15.46
C GLN B 256 25.54 -11.79 16.00
N CYS B 257 26.86 -11.78 15.99
CA CYS B 257 27.70 -12.88 16.47
C CYS B 257 28.17 -12.67 17.90
N LYS B 258 28.77 -13.73 18.44
CA LYS B 258 29.34 -13.74 19.80
C LYS B 258 30.36 -12.63 20.04
N ASP B 259 31.21 -12.33 19.05
CA ASP B 259 32.21 -11.26 19.13
C ASP B 259 31.67 -9.82 18.93
N GLY B 260 30.34 -9.67 18.80
CA GLY B 260 29.68 -8.36 18.63
C GLY B 260 29.49 -7.91 17.18
N SER B 261 30.26 -8.45 16.24
CA SER B 261 30.13 -8.11 14.83
C SER B 261 28.90 -8.79 14.24
N TRP B 262 28.53 -8.37 13.02
CA TRP B 262 27.38 -8.95 12.32
C TRP B 262 27.77 -9.69 11.05
N LYS B 263 26.86 -10.58 10.63
CA LYS B 263 26.98 -11.36 9.43
C LYS B 263 25.61 -11.39 8.74
N TYR B 264 25.61 -11.78 7.46
CA TYR B 264 24.40 -11.98 6.66
C TYR B 264 24.44 -13.42 6.07
N ILE B 265 23.41 -14.21 6.38
CA ILE B 265 23.28 -15.58 5.87
C ILE B 265 22.34 -15.42 4.70
N PHE B 266 22.55 -16.17 3.63
CA PHE B 266 21.72 -16.06 2.43
C PHE B 266 21.88 -17.37 1.66
N HIS B 267 20.96 -17.66 0.74
CA HIS B 267 21.08 -18.85 -0.09
C HIS B 267 21.62 -18.51 -1.46
N ALA B 268 21.94 -19.57 -2.19
CA ALA B 268 22.35 -19.48 -3.57
C ALA B 268 21.90 -20.75 -4.29
N HIS B 269 21.99 -20.69 -5.61
CA HIS B 269 21.72 -21.84 -6.44
C HIS B 269 22.73 -22.94 -6.16
N TRP B 270 22.32 -24.18 -6.41
CA TRP B 270 23.21 -25.32 -6.27
C TRP B 270 24.49 -25.15 -7.10
N SER B 271 24.33 -24.71 -8.34
CA SER B 271 25.44 -24.50 -9.26
C SER B 271 25.07 -23.55 -10.37
N ALA B 272 26.06 -23.24 -11.23
CA ALA B 272 25.82 -22.50 -12.45
C ALA B 272 24.92 -23.28 -13.45
N ALA B 273 24.93 -24.61 -13.39
CA ALA B 273 24.11 -25.46 -14.28
C ALA B 273 22.73 -25.82 -13.75
N GLU B 274 22.50 -25.66 -12.44
CA GLU B 274 21.26 -26.11 -11.78
C GLU B 274 20.91 -25.29 -10.53
N ILE B 275 19.64 -24.90 -10.43
CA ILE B 275 19.11 -24.13 -9.30
C ILE B 275 19.03 -24.98 -8.02
N GLN B 276 18.46 -26.19 -8.14
CA GLN B 276 18.19 -27.09 -7.01
C GLN B 276 19.23 -28.16 -6.68
N PRO B 277 19.41 -28.46 -5.38
CA PRO B 277 18.81 -27.84 -4.20
C PRO B 277 19.59 -26.57 -3.84
N ARG B 278 18.89 -25.49 -3.49
CA ARG B 278 19.59 -24.30 -3.00
C ARG B 278 20.25 -24.58 -1.64
N THR B 279 21.35 -23.88 -1.36
CA THR B 279 22.07 -24.01 -0.10
C THR B 279 22.49 -22.65 0.41
N SER B 280 22.84 -22.61 1.71
CA SER B 280 23.12 -21.38 2.41
C SER B 280 24.59 -21.14 2.77
N TYR B 281 24.91 -19.85 2.78
CA TYR B 281 26.25 -19.31 2.87
C TYR B 281 26.24 -18.06 3.77
N ILE B 282 27.42 -17.64 4.25
CA ILE B 282 27.51 -16.53 5.21
C ILE B 282 28.61 -15.52 4.83
N LYS B 283 28.26 -14.24 4.81
CA LYS B 283 29.18 -13.11 4.57
C LYS B 283 29.10 -12.16 5.75
N ASP B 284 30.04 -11.22 5.79
CA ASP B 284 30.05 -10.19 6.83
C ASP B 284 28.94 -9.17 6.51
N PHE B 285 28.38 -8.56 7.55
CA PHE B 285 27.36 -7.51 7.43
C PHE B 285 27.76 -6.34 8.34
N ALA B 286 27.42 -5.12 7.95
CA ALA B 286 27.75 -3.94 8.76
C ALA B 286 26.87 -2.75 8.35
N ILE B 287 26.52 -1.94 9.35
CA ILE B 287 25.85 -0.63 9.12
C ILE B 287 26.74 0.37 9.82
N SER B 288 27.37 1.24 9.02
CA SER B 288 28.28 2.27 9.54
CA SER B 288 28.28 2.27 9.54
C SER B 288 27.53 3.32 10.36
N ASP B 289 28.31 4.12 11.11
CA ASP B 289 27.74 5.25 11.86
C ASP B 289 27.07 6.27 10.90
N GLN B 290 27.52 6.30 9.64
CA GLN B 290 26.96 7.12 8.55
CA GLN B 290 26.92 7.16 8.60
C GLN B 290 25.71 6.51 7.90
N GLY B 291 25.38 5.27 8.27
CA GLY B 291 24.22 4.56 7.73
C GLY B 291 24.34 3.88 6.39
N VAL B 292 25.55 3.43 6.01
CA VAL B 292 25.78 2.73 4.74
C VAL B 292 25.88 1.24 5.10
N VAL B 293 24.99 0.46 4.52
CA VAL B 293 24.97 -0.98 4.75
C VAL B 293 25.86 -1.68 3.73
N THR B 294 26.66 -2.65 4.20
CA THR B 294 27.49 -3.47 3.35
C THR B 294 27.28 -4.96 3.64
N ILE B 295 27.43 -5.76 2.60
CA ILE B 295 27.48 -7.21 2.70
C ILE B 295 28.79 -7.46 1.97
N SER B 296 29.78 -7.99 2.68
CA SER B 296 31.15 -8.12 2.20
C SER B 296 31.87 -9.33 2.79
N GLY B 297 33.10 -9.55 2.33
CA GLY B 297 34.00 -10.57 2.89
C GLY B 297 33.94 -11.95 2.29
N THR B 298 34.95 -12.74 2.62
CA THR B 298 35.08 -14.09 2.10
C THR B 298 33.90 -14.93 2.62
N VAL B 299 33.22 -15.58 1.69
CA VAL B 299 32.10 -16.45 2.02
C VAL B 299 32.55 -17.62 2.91
N ILE B 300 31.72 -17.90 3.91
CA ILE B 300 31.85 -19.09 4.75
C ILE B 300 30.95 -20.12 4.04
N LYS B 301 31.54 -21.27 3.75
CA LYS B 301 30.86 -22.40 3.09
C LYS B 301 30.55 -23.44 4.19
N PRO B 302 29.37 -23.35 4.83
CA PRO B 302 29.08 -24.26 5.94
C PRO B 302 28.84 -25.71 5.50
N ARG B 303 29.03 -26.64 6.45
CA ARG B 303 28.78 -28.09 6.26
CA ARG B 303 28.74 -28.07 6.24
C ARG B 303 27.93 -28.58 7.42
N VAL B 304 27.24 -29.70 7.22
CA VAL B 304 26.45 -30.34 8.29
C VAL B 304 27.20 -31.60 8.70
N LEU B 305 27.59 -31.68 9.98
CA LEU B 305 28.29 -32.88 10.52
C LEU B 305 27.29 -33.73 11.30
N LYS B 306 27.66 -34.99 11.53
CA LYS B 306 26.88 -35.91 12.36
C LYS B 306 27.83 -36.69 13.23
CA CA C . -14.13 14.32 -5.24
CA CA D . 13.13 -14.34 5.87
C1 EDO E . 10.65 -20.18 -1.95
O1 EDO E . 12.01 -19.88 -1.66
C2 EDO E . 9.80 -18.93 -1.84
O2 EDO E . 10.51 -17.72 -2.10
#